data_5Y8I
#
_entry.id   5Y8I
#
_cell.length_a   128.580
_cell.length_b   128.580
_cell.length_c   70.230
_cell.angle_alpha   90.00
_cell.angle_beta   90.00
_cell.angle_gamma   120.00
#
_symmetry.space_group_name_H-M   'P 65'
#
loop_
_entity.id
_entity.type
_entity.pdbx_description
1 polymer 'Probable 3-hydroxyisobutyrate dehydrogenase'
2 non-polymer GLYCEROL
3 non-polymer '(2~{S})-2-methylpentanedioic acid'
4 non-polymer '(2S)-2-methyl-3-oxidanyl-propanoic acid'
5 water water
#
_entity_poly.entity_id   1
_entity_poly.type   'polypeptide(L)'
_entity_poly.pdbx_seq_one_letter_code
;MMTTIAFLGLGNMGAPMSANLVGAGHVVRGFDPAPTAASGAAAHGVAVFRSAPEAVAEADVVITMLPTGEVVRRCYTDVL
AAARPATLFIDSSTISVTDAREVHALAESHGMLQLDAPVSGGVKGAAAATLAFMVGGDESTLRRARPVLEPMAGKIIHCG
AAGAGQAAKVCNNMVLAVQQIAIAEAFVLAEKLGLSAQSLFDVITGATGNCWAVHTNCPVPGPVPTSPANNDFKPGFSTA
LMNKDLGLAMDAVAATGATAPLGSHAADIYAKFAADHADLDFSAVIHTLRARADA
;
_entity_poly.pdbx_strand_id   A,B
#
loop_
_chem_comp.id
_chem_comp.type
_chem_comp.name
_chem_comp.formula
9ON non-polymer '(2~{S})-2-methylpentanedioic acid' 'C6 H10 O4'
GOL non-polymer GLYCEROL 'C3 H8 O3'
HUI non-polymer '(2S)-2-methyl-3-oxidanyl-propanoic acid' 'C4 H8 O3'
#
# COMPACT_ATOMS: atom_id res chain seq x y z
N THR A 3 -39.93 -3.63 -12.85
CA THR A 3 -39.44 -2.31 -12.45
C THR A 3 -39.05 -1.47 -13.68
N THR A 4 -39.59 -0.25 -13.75
CA THR A 4 -39.22 0.68 -14.80
C THR A 4 -38.11 1.58 -14.28
N ILE A 5 -37.04 1.69 -15.06
CA ILE A 5 -35.85 2.43 -14.66
C ILE A 5 -35.55 3.53 -15.67
N ALA A 6 -35.38 4.76 -15.21
CA ALA A 6 -34.92 5.85 -16.07
C ALA A 6 -33.42 5.97 -15.84
N PHE A 7 -32.66 5.85 -16.93
CA PHE A 7 -31.20 5.90 -16.88
C PHE A 7 -30.76 7.16 -17.59
N LEU A 8 -30.25 8.11 -16.80
CA LEU A 8 -29.88 9.43 -17.29
C LEU A 8 -28.36 9.51 -17.31
N GLY A 9 -27.79 9.49 -18.52
CA GLY A 9 -26.36 9.38 -18.73
C GLY A 9 -26.03 8.00 -19.27
N LEU A 10 -25.88 7.91 -20.59
CA LEU A 10 -25.69 6.65 -21.29
C LEU A 10 -24.32 6.65 -21.96
N GLY A 11 -23.31 7.19 -21.24
CA GLY A 11 -21.93 7.22 -21.73
C GLY A 11 -21.23 5.87 -21.60
N ASN A 12 -19.89 5.89 -21.53
CA ASN A 12 -19.08 4.67 -21.54
C ASN A 12 -19.40 3.70 -20.39
N MET A 13 -19.85 4.25 -19.25
CA MET A 13 -20.32 3.45 -18.12
C MET A 13 -21.82 3.20 -18.21
N GLY A 14 -22.59 4.26 -18.43
CA GLY A 14 -24.04 4.16 -18.42
C GLY A 14 -24.64 3.23 -19.47
N ALA A 15 -24.07 3.26 -20.67
CA ALA A 15 -24.49 2.36 -21.74
C ALA A 15 -24.45 0.86 -21.33
N PRO A 16 -23.26 0.31 -20.99
CA PRO A 16 -23.26 -1.12 -20.59
C PRO A 16 -24.05 -1.44 -19.29
N MET A 17 -24.12 -0.50 -18.35
CA MET A 17 -24.92 -0.70 -17.14
C MET A 17 -26.39 -0.88 -17.49
N SER A 18 -26.90 0.01 -18.35
CA SER A 18 -28.28 -0.04 -18.77
C SER A 18 -28.60 -1.31 -19.58
N ALA A 19 -27.65 -1.76 -20.40
CA ALA A 19 -27.79 -3.03 -21.11
C ALA A 19 -27.91 -4.24 -20.19
N ASN A 20 -27.17 -4.26 -19.09
CA ASN A 20 -27.34 -5.30 -18.07
C ASN A 20 -28.71 -5.24 -17.38
N LEU A 21 -29.23 -4.04 -17.14
CA LEU A 21 -30.59 -3.91 -16.58
C LEU A 21 -31.67 -4.42 -17.54
N VAL A 22 -31.52 -4.13 -18.82
CA VAL A 22 -32.41 -4.67 -19.86
C VAL A 22 -32.33 -6.20 -19.85
N GLY A 23 -31.10 -6.72 -19.83
CA GLY A 23 -30.89 -8.16 -19.78
C GLY A 23 -31.42 -8.86 -18.54
N ALA A 24 -31.63 -8.11 -17.46
CA ALA A 24 -32.20 -8.68 -16.23
C ALA A 24 -33.72 -8.53 -16.14
N GLY A 25 -34.37 -8.08 -17.21
CA GLY A 25 -35.83 -8.04 -17.27
C GLY A 25 -36.47 -6.72 -16.85
N HIS A 26 -35.67 -5.65 -16.76
CA HIS A 26 -36.20 -4.31 -16.43
C HIS A 26 -36.59 -3.53 -17.66
N VAL A 27 -37.60 -2.67 -17.51
CA VAL A 27 -37.97 -1.73 -18.57
C VAL A 27 -37.09 -0.51 -18.37
N VAL A 28 -36.21 -0.24 -19.34
CA VAL A 28 -35.25 0.85 -19.21
C VAL A 28 -35.59 1.99 -20.16
N ARG A 29 -35.78 3.17 -19.58
CA ARG A 29 -36.01 4.42 -20.30
C ARG A 29 -34.76 5.25 -20.12
N GLY A 30 -34.39 6.04 -21.12
CA GLY A 30 -33.09 6.66 -21.15
C GLY A 30 -33.02 8.07 -21.71
N PHE A 31 -31.97 8.78 -21.32
CA PHE A 31 -31.65 10.06 -21.91
C PHE A 31 -30.14 10.27 -21.91
N ASP A 32 -29.64 10.80 -23.01
CA ASP A 32 -28.26 11.28 -23.09
C ASP A 32 -28.22 12.41 -24.11
N PRO A 33 -27.43 13.47 -23.86
CA PRO A 33 -27.38 14.54 -24.87
C PRO A 33 -26.53 14.22 -26.11
N ALA A 34 -25.79 13.11 -26.12
CA ALA A 34 -25.04 12.67 -27.30
C ALA A 34 -25.87 11.68 -28.10
N PRO A 35 -26.21 12.01 -29.36
CA PRO A 35 -26.97 11.08 -30.21
C PRO A 35 -26.32 9.70 -30.39
N THR A 36 -24.99 9.66 -30.53
CA THR A 36 -24.29 8.38 -30.64
C THR A 36 -24.49 7.51 -29.38
N ALA A 37 -24.45 8.13 -28.19
CA ALA A 37 -24.69 7.40 -26.94
C ALA A 37 -26.13 6.91 -26.88
N ALA A 38 -27.07 7.78 -27.20
CA ALA A 38 -28.50 7.41 -27.19
C ALA A 38 -28.83 6.28 -28.17
N SER A 39 -28.30 6.35 -29.40
CA SER A 39 -28.50 5.33 -30.43
C SER A 39 -27.97 3.97 -30.02
N GLY A 40 -26.75 3.96 -29.50
CA GLY A 40 -26.14 2.75 -28.99
C GLY A 40 -26.97 2.11 -27.89
N ALA A 41 -27.52 2.95 -26.99
CA ALA A 41 -28.38 2.45 -25.90
C ALA A 41 -29.72 1.91 -26.41
N ALA A 42 -30.33 2.61 -27.37
CA ALA A 42 -31.55 2.14 -28.03
C ALA A 42 -31.36 0.82 -28.79
N ALA A 43 -30.16 0.59 -29.29
CA ALA A 43 -29.83 -0.64 -29.98
C ALA A 43 -29.93 -1.85 -29.05
N HIS A 44 -29.57 -1.67 -27.77
CA HIS A 44 -29.70 -2.76 -26.78
C HIS A 44 -30.96 -2.72 -25.90
N GLY A 45 -31.98 -1.96 -26.32
CA GLY A 45 -33.32 -2.06 -25.72
C GLY A 45 -33.83 -0.94 -24.85
N VAL A 46 -33.02 0.11 -24.68
CA VAL A 46 -33.44 1.25 -23.89
C VAL A 46 -34.37 2.12 -24.75
N ALA A 47 -35.51 2.51 -24.19
CA ALA A 47 -36.38 3.49 -24.85
C ALA A 47 -35.81 4.87 -24.51
N VAL A 48 -35.22 5.52 -25.51
CA VAL A 48 -34.56 6.81 -25.32
C VAL A 48 -35.54 7.94 -25.58
N PHE A 49 -35.50 8.97 -24.74
CA PHE A 49 -36.39 10.13 -24.86
C PHE A 49 -35.56 11.37 -25.10
N ARG A 50 -36.21 12.41 -25.60
CA ARG A 50 -35.54 13.64 -26.00
C ARG A 50 -35.12 14.50 -24.83
N SER A 51 -35.82 14.38 -23.70
CA SER A 51 -35.47 15.11 -22.48
C SER A 51 -35.50 14.18 -21.29
N ALA A 52 -34.75 14.54 -20.25
CA ALA A 52 -34.69 13.73 -19.05
C ALA A 52 -36.04 13.69 -18.29
N PRO A 53 -36.75 14.85 -18.18
CA PRO A 53 -38.08 14.82 -17.55
C PRO A 53 -39.01 13.77 -18.16
N GLU A 54 -38.98 13.61 -19.48
CA GLU A 54 -39.75 12.57 -20.17
C GLU A 54 -39.30 11.16 -19.79
N ALA A 55 -37.99 10.92 -19.77
CA ALA A 55 -37.46 9.61 -19.35
C ALA A 55 -37.96 9.19 -17.97
N VAL A 56 -37.94 10.14 -17.04
CA VAL A 56 -38.33 9.94 -15.64
C VAL A 56 -39.84 9.71 -15.39
N ALA A 57 -40.70 10.19 -16.28
CA ALA A 57 -42.16 10.27 -16.03
C ALA A 57 -42.81 8.98 -15.49
N GLU A 58 -42.47 7.84 -16.09
CA GLU A 58 -43.08 6.55 -15.72
C GLU A 58 -42.17 5.62 -14.89
N ALA A 59 -41.12 6.16 -14.28
CA ALA A 59 -40.06 5.34 -13.70
C ALA A 59 -40.28 5.10 -12.21
N ASP A 60 -39.94 3.89 -11.76
CA ASP A 60 -39.89 3.57 -10.33
C ASP A 60 -38.52 3.92 -9.75
N VAL A 61 -37.49 3.90 -10.62
CA VAL A 61 -36.11 4.14 -10.23
C VAL A 61 -35.47 5.06 -11.27
N VAL A 62 -34.71 6.04 -10.80
CA VAL A 62 -33.97 6.94 -11.68
C VAL A 62 -32.51 6.81 -11.34
N ILE A 63 -31.71 6.34 -12.29
CA ILE A 63 -30.26 6.25 -12.10
C ILE A 63 -29.58 7.37 -12.90
N THR A 64 -28.65 8.08 -12.26
CA THR A 64 -27.84 9.11 -12.93
C THR A 64 -26.40 8.62 -13.01
N MET A 65 -25.80 8.82 -14.18
CA MET A 65 -24.39 8.57 -14.39
C MET A 65 -23.84 9.72 -15.21
N LEU A 66 -23.45 10.79 -14.51
CA LEU A 66 -23.14 12.09 -15.13
C LEU A 66 -21.76 12.62 -14.71
N PRO A 67 -21.16 13.55 -15.49
CA PRO A 67 -19.73 13.85 -15.27
C PRO A 67 -19.39 14.67 -14.02
N THR A 68 -20.28 15.57 -13.58
CA THR A 68 -19.99 16.44 -12.42
C THR A 68 -21.18 16.67 -11.50
N GLY A 69 -20.88 17.14 -10.29
CA GLY A 69 -21.90 17.46 -9.29
C GLY A 69 -22.88 18.51 -9.78
N GLU A 70 -22.35 19.51 -10.48
CA GLU A 70 -23.15 20.56 -11.07
C GLU A 70 -24.17 19.99 -12.09
N VAL A 71 -23.74 19.04 -12.90
CA VAL A 71 -24.65 18.42 -13.88
C VAL A 71 -25.65 17.50 -13.18
N VAL A 72 -25.20 16.81 -12.13
CA VAL A 72 -26.12 15.95 -11.38
C VAL A 72 -27.19 16.82 -10.71
N ARG A 73 -26.78 17.88 -10.02
CA ARG A 73 -27.72 18.82 -9.39
C ARG A 73 -28.74 19.39 -10.37
N ARG A 74 -28.27 19.82 -11.54
CA ARG A 74 -29.17 20.41 -12.55
C ARG A 74 -30.14 19.35 -13.11
N CYS A 75 -29.66 18.13 -13.26
CA CYS A 75 -30.52 17.02 -13.69
C CYS A 75 -31.63 16.78 -12.65
N TYR A 76 -31.26 16.74 -11.37
CA TYR A 76 -32.25 16.59 -10.28
C TYR A 76 -33.30 17.69 -10.28
N THR A 77 -32.90 18.96 -10.34
CA THR A 77 -33.89 20.05 -10.39
C THR A 77 -34.73 20.01 -11.69
N ASP A 78 -34.13 19.56 -12.79
CA ASP A 78 -34.88 19.36 -14.02
C ASP A 78 -35.95 18.27 -13.95
N VAL A 79 -35.70 17.17 -13.24
CA VAL A 79 -36.61 16.00 -13.30
C VAL A 79 -37.47 15.72 -12.06
N LEU A 80 -37.13 16.31 -10.91
CA LEU A 80 -37.78 15.93 -9.67
C LEU A 80 -39.30 16.16 -9.69
N ALA A 81 -39.75 17.30 -10.19
CA ALA A 81 -41.18 17.56 -10.38
C ALA A 81 -41.86 16.53 -11.30
N ALA A 82 -41.13 16.00 -12.27
CA ALA A 82 -41.66 14.97 -13.18
C ALA A 82 -41.79 13.59 -12.54
N ALA A 83 -40.97 13.28 -11.54
CA ALA A 83 -41.00 11.95 -10.94
C ALA A 83 -42.23 11.70 -10.09
N ARG A 84 -42.65 10.45 -10.03
CA ARG A 84 -43.73 10.03 -9.16
C ARG A 84 -43.27 9.98 -7.70
N PRO A 85 -44.21 10.05 -6.75
CA PRO A 85 -43.79 10.10 -5.35
C PRO A 85 -43.15 8.80 -4.90
N ALA A 86 -42.18 8.90 -4.00
CA ALA A 86 -41.40 7.74 -3.53
C ALA A 86 -40.65 7.01 -4.66
N THR A 87 -40.34 7.70 -5.75
CA THR A 87 -39.42 7.17 -6.73
C THR A 87 -38.04 7.04 -6.08
N LEU A 88 -37.30 5.99 -6.42
CA LEU A 88 -35.97 5.75 -5.87
C LEU A 88 -34.91 6.33 -6.81
N PHE A 89 -34.17 7.33 -6.35
CA PHE A 89 -33.10 7.92 -7.13
C PHE A 89 -31.79 7.32 -6.68
N ILE A 90 -31.01 6.86 -7.64
CA ILE A 90 -29.67 6.37 -7.35
C ILE A 90 -28.68 7.17 -8.18
N ASP A 91 -27.80 7.91 -7.51
CA ASP A 91 -26.70 8.57 -8.22
C ASP A 91 -25.42 7.74 -8.18
N SER A 92 -25.03 7.22 -9.34
CA SER A 92 -23.83 6.42 -9.45
C SER A 92 -22.68 7.19 -10.09
N SER A 93 -22.88 8.48 -10.28
CA SER A 93 -21.84 9.41 -10.69
C SER A 93 -20.78 9.49 -9.58
N THR A 94 -19.57 9.89 -9.94
CA THR A 94 -18.52 10.14 -8.96
C THR A 94 -18.40 11.66 -8.85
N ILE A 95 -18.87 12.19 -7.72
CA ILE A 95 -18.92 13.63 -7.42
C ILE A 95 -18.48 13.86 -5.98
N SER A 96 -18.32 15.11 -5.60
CA SER A 96 -17.95 15.42 -4.25
C SER A 96 -18.99 15.01 -3.20
N VAL A 97 -18.47 14.76 -2.00
CA VAL A 97 -19.27 14.41 -0.84
C VAL A 97 -20.32 15.50 -0.59
N THR A 98 -19.91 16.76 -0.63
CA THR A 98 -20.78 17.90 -0.46
C THR A 98 -21.92 17.89 -1.48
N ASP A 99 -21.56 17.77 -2.75
CA ASP A 99 -22.55 17.69 -3.83
C ASP A 99 -23.49 16.50 -3.66
N ALA A 100 -22.95 15.34 -3.27
CA ALA A 100 -23.77 14.17 -3.04
C ALA A 100 -24.82 14.41 -1.96
N ARG A 101 -24.38 15.01 -0.86
CA ARG A 101 -25.31 15.30 0.24
C ARG A 101 -26.36 16.36 -0.10
N GLU A 102 -25.98 17.38 -0.85
CA GLU A 102 -26.94 18.40 -1.28
C GLU A 102 -28.03 17.78 -2.16
N VAL A 103 -27.62 16.99 -3.15
CA VAL A 103 -28.58 16.35 -4.02
C VAL A 103 -29.44 15.28 -3.33
N HIS A 104 -28.90 14.61 -2.32
CA HIS A 104 -29.65 13.67 -1.55
C HIS A 104 -30.78 14.41 -0.81
N ALA A 105 -30.40 15.49 -0.15
CA ALA A 105 -31.36 16.32 0.59
C ALA A 105 -32.44 16.92 -0.35
N LEU A 106 -32.04 17.35 -1.53
CA LEU A 106 -33.00 17.85 -2.52
C LEU A 106 -34.04 16.79 -2.90
N ALA A 107 -33.55 15.60 -3.24
CA ALA A 107 -34.41 14.50 -3.63
C ALA A 107 -35.38 14.10 -2.51
N GLU A 108 -34.88 13.99 -1.28
CA GLU A 108 -35.75 13.64 -0.18
C GLU A 108 -36.74 14.78 0.16
N SER A 109 -36.45 16.00 -0.17
CA SER A 109 -37.38 17.08 0.06
C SER A 109 -38.64 16.88 -0.75
N HIS A 110 -38.46 16.29 -1.90
CA HIS A 110 -39.59 15.93 -2.78
C HIS A 110 -40.28 14.63 -2.46
N GLY A 111 -39.95 14.00 -1.35
CA GLY A 111 -40.52 12.69 -1.03
C GLY A 111 -40.00 11.57 -1.90
N MET A 112 -38.81 11.72 -2.46
CA MET A 112 -38.12 10.62 -3.12
C MET A 112 -37.23 9.91 -2.12
N LEU A 113 -36.79 8.71 -2.46
CA LEU A 113 -35.78 8.00 -1.71
C LEU A 113 -34.50 8.10 -2.54
N GLN A 114 -33.36 8.34 -1.90
CA GLN A 114 -32.15 8.57 -2.66
C GLN A 114 -30.94 7.91 -2.06
N LEU A 115 -30.08 7.38 -2.94
CA LEU A 115 -28.77 6.87 -2.58
C LEU A 115 -27.67 7.48 -3.42
N ASP A 116 -26.50 7.72 -2.82
CA ASP A 116 -25.24 7.79 -3.58
C ASP A 116 -24.67 6.37 -3.70
N ALA A 117 -24.33 5.97 -4.92
CA ALA A 117 -23.81 4.65 -5.20
C ALA A 117 -22.76 4.69 -6.31
N PRO A 118 -21.69 5.48 -6.10
CA PRO A 118 -20.60 5.48 -7.07
C PRO A 118 -19.98 4.09 -7.24
N VAL A 119 -19.33 3.89 -8.37
CA VAL A 119 -18.83 2.57 -8.74
C VAL A 119 -17.35 2.56 -9.05
N SER A 120 -16.69 1.43 -8.78
CA SER A 120 -15.35 1.17 -9.27
C SER A 120 -15.38 -0.09 -10.11
N GLY A 121 -14.46 -0.17 -11.07
CA GLY A 121 -14.37 -1.30 -12.01
C GLY A 121 -14.28 -0.88 -13.46
N GLY A 122 -14.64 0.37 -13.77
CA GLY A 122 -14.51 0.91 -15.12
C GLY A 122 -15.46 0.31 -16.15
N VAL A 123 -15.19 0.61 -17.42
CA VAL A 123 -16.00 0.13 -18.54
C VAL A 123 -16.03 -1.41 -18.60
N LYS A 124 -14.89 -2.04 -18.31
CA LYS A 124 -14.78 -3.49 -18.31
C LYS A 124 -15.70 -4.08 -17.25
N GLY A 125 -15.63 -3.52 -16.04
CA GLY A 125 -16.49 -3.98 -14.96
C GLY A 125 -17.96 -3.73 -15.25
N ALA A 126 -18.24 -2.61 -15.90
CA ALA A 126 -19.60 -2.25 -16.27
C ALA A 126 -20.17 -3.28 -17.25
N ALA A 127 -19.41 -3.58 -18.29
CA ALA A 127 -19.84 -4.52 -19.31
C ALA A 127 -19.98 -5.93 -18.72
N ALA A 128 -19.00 -6.34 -17.92
CA ALA A 128 -19.02 -7.66 -17.28
C ALA A 128 -19.98 -7.79 -16.07
N ALA A 129 -20.67 -6.70 -15.70
CA ALA A 129 -21.54 -6.68 -14.52
C ALA A 129 -20.81 -7.06 -13.21
N THR A 130 -19.56 -6.62 -13.07
CA THR A 130 -18.76 -6.85 -11.88
C THR A 130 -18.41 -5.56 -11.14
N LEU A 131 -19.18 -4.49 -11.36
CA LEU A 131 -18.93 -3.22 -10.66
C LEU A 131 -19.07 -3.35 -9.13
N ALA A 132 -18.27 -2.57 -8.42
CA ALA A 132 -18.35 -2.46 -6.97
C ALA A 132 -19.08 -1.15 -6.66
N PHE A 133 -20.28 -1.26 -6.10
CA PHE A 133 -21.07 -0.12 -5.67
C PHE A 133 -20.78 0.17 -4.20
N MET A 134 -20.33 1.38 -3.93
CA MET A 134 -20.13 1.89 -2.56
C MET A 134 -21.27 2.86 -2.27
N VAL A 135 -22.14 2.49 -1.34
CA VAL A 135 -23.47 3.09 -1.18
C VAL A 135 -23.62 3.88 0.11
N GLY A 136 -24.08 5.13 -0.03
CA GLY A 136 -24.52 5.95 1.11
C GLY A 136 -26.03 6.16 1.09
N GLY A 137 -26.64 6.12 2.27
CA GLY A 137 -28.10 6.28 2.41
C GLY A 137 -28.67 5.37 3.48
N ASP A 138 -29.99 5.21 3.50
CA ASP A 138 -30.65 4.38 4.50
C ASP A 138 -30.56 2.90 4.11
N GLU A 139 -30.37 2.06 5.11
CA GLU A 139 -30.34 0.60 4.90
C GLU A 139 -31.61 0.09 4.22
N SER A 140 -32.77 0.58 4.64
CA SER A 140 -34.04 0.17 4.01
C SER A 140 -34.16 0.60 2.54
N THR A 141 -33.64 1.79 2.20
CA THR A 141 -33.58 2.23 0.80
C THR A 141 -32.65 1.35 -0.02
N LEU A 142 -31.45 1.06 0.49
CA LEU A 142 -30.54 0.11 -0.19
C LEU A 142 -31.18 -1.28 -0.42
N ARG A 143 -31.90 -1.78 0.56
CA ARG A 143 -32.60 -3.06 0.42
C ARG A 143 -33.56 -3.02 -0.76
N ARG A 144 -34.37 -1.97 -0.85
CA ARG A 144 -35.26 -1.74 -1.99
C ARG A 144 -34.48 -1.69 -3.31
N ALA A 145 -33.36 -0.98 -3.31
CA ALA A 145 -32.54 -0.82 -4.51
C ALA A 145 -31.80 -2.07 -4.94
N ARG A 146 -31.62 -3.03 -4.01
CA ARG A 146 -30.70 -4.14 -4.24
C ARG A 146 -30.96 -4.91 -5.54
N PRO A 147 -32.21 -5.31 -5.80
CA PRO A 147 -32.53 -6.03 -7.05
C PRO A 147 -32.25 -5.27 -8.34
N VAL A 148 -32.21 -3.94 -8.29
CA VAL A 148 -31.76 -3.14 -9.45
C VAL A 148 -30.24 -3.13 -9.57
N LEU A 149 -29.56 -3.01 -8.45
CA LEU A 149 -28.12 -2.97 -8.42
C LEU A 149 -27.45 -4.32 -8.78
N GLU A 150 -27.99 -5.41 -8.25
CA GLU A 150 -27.44 -6.75 -8.43
C GLU A 150 -27.04 -7.07 -9.88
N PRO A 151 -27.93 -6.83 -10.87
CA PRO A 151 -27.51 -7.19 -12.23
C PRO A 151 -26.35 -6.35 -12.82
N MET A 152 -25.99 -5.24 -12.19
CA MET A 152 -24.85 -4.44 -12.62
C MET A 152 -23.58 -4.73 -11.82
N ALA A 153 -23.70 -5.48 -10.72
CA ALA A 153 -22.70 -5.46 -9.63
C ALA A 153 -22.01 -6.77 -9.36
N GLY A 154 -20.72 -6.70 -9.06
CA GLY A 154 -19.99 -7.79 -8.41
C GLY A 154 -20.02 -7.62 -6.90
N LYS A 155 -20.21 -6.40 -6.44
CA LYS A 155 -20.19 -6.11 -5.04
C LYS A 155 -21.01 -4.89 -4.71
N ILE A 156 -21.69 -4.96 -3.59
CA ILE A 156 -22.52 -3.86 -3.11
C ILE A 156 -22.20 -3.66 -1.64
N ILE A 157 -21.71 -2.47 -1.27
CA ILE A 157 -21.27 -2.20 0.11
C ILE A 157 -21.91 -0.95 0.68
N HIS A 158 -22.63 -1.11 1.77
CA HIS A 158 -23.26 0.00 2.45
C HIS A 158 -22.19 0.66 3.32
N CYS A 159 -21.89 1.92 3.03
CA CYS A 159 -20.79 2.65 3.64
C CYS A 159 -21.22 3.56 4.78
N GLY A 160 -22.51 3.84 4.89
CA GLY A 160 -23.03 4.73 5.92
C GLY A 160 -24.13 5.61 5.35
N ALA A 161 -24.36 6.76 5.98
CA ALA A 161 -25.39 7.70 5.54
C ALA A 161 -25.01 8.40 4.23
N ALA A 162 -25.94 9.18 3.69
CA ALA A 162 -25.74 9.93 2.45
C ALA A 162 -24.38 10.61 2.40
N GLY A 163 -23.69 10.44 1.28
CA GLY A 163 -22.32 10.92 1.09
C GLY A 163 -21.21 9.90 1.39
N ALA A 164 -21.52 8.91 2.24
CA ALA A 164 -20.51 7.90 2.65
C ALA A 164 -19.96 7.05 1.50
N GLY A 165 -20.77 6.80 0.48
CA GLY A 165 -20.32 6.08 -0.70
C GLY A 165 -19.23 6.85 -1.44
N GLN A 166 -19.52 8.12 -1.72
CA GLN A 166 -18.54 9.03 -2.34
C GLN A 166 -17.28 9.18 -1.48
N ALA A 167 -17.46 9.33 -0.18
CA ALA A 167 -16.33 9.45 0.75
C ALA A 167 -15.45 8.20 0.75
N ALA A 168 -16.06 7.02 0.77
CA ALA A 168 -15.31 5.78 0.82
C ALA A 168 -14.51 5.57 -0.46
N LYS A 169 -15.13 5.84 -1.61
CA LYS A 169 -14.44 5.68 -2.89
C LYS A 169 -13.26 6.64 -2.99
N VAL A 170 -13.48 7.89 -2.61
CA VAL A 170 -12.46 8.91 -2.71
C VAL A 170 -11.25 8.63 -1.80
N CYS A 171 -11.51 8.14 -0.61
CA CYS A 171 -10.45 7.76 0.32
C CYS A 171 -9.64 6.59 -0.19
N ASN A 172 -10.31 5.55 -0.68
CA ASN A 172 -9.62 4.43 -1.28
C ASN A 172 -8.76 4.83 -2.48
N ASN A 173 -9.33 5.62 -3.42
CA ASN A 173 -8.58 5.97 -4.62
C ASN A 173 -7.41 6.94 -4.34
N MET A 174 -7.52 7.76 -3.29
CA MET A 174 -6.38 8.58 -2.84
C MET A 174 -5.22 7.69 -2.34
N VAL A 175 -5.57 6.66 -1.57
CA VAL A 175 -4.57 5.70 -1.07
C VAL A 175 -3.94 4.94 -2.25
N LEU A 176 -4.76 4.54 -3.22
CA LEU A 176 -4.30 3.81 -4.41
C LEU A 176 -3.29 4.62 -5.23
N ALA A 177 -3.60 5.89 -5.45
CA ALA A 177 -2.73 6.80 -6.16
C ALA A 177 -1.36 6.91 -5.49
N VAL A 178 -1.36 7.02 -4.15
CA VAL A 178 -0.12 7.11 -3.37
C VAL A 178 0.64 5.79 -3.53
N GLN A 179 -0.04 4.67 -3.37
CA GLN A 179 0.58 3.35 -3.50
C GLN A 179 1.17 3.11 -4.89
N GLN A 180 0.46 3.52 -5.95
CA GLN A 180 0.95 3.31 -7.31
C GLN A 180 2.25 4.08 -7.58
N ILE A 181 2.37 5.27 -7.00
CA ILE A 181 3.59 6.05 -7.11
C ILE A 181 4.70 5.46 -6.26
N ALA A 182 4.38 5.11 -5.02
CA ALA A 182 5.38 4.52 -4.13
C ALA A 182 5.98 3.23 -4.73
N ILE A 183 5.10 2.37 -5.25
CA ILE A 183 5.55 1.15 -5.93
C ILE A 183 6.48 1.49 -7.10
N ALA A 184 6.12 2.50 -7.89
CA ALA A 184 6.93 2.91 -9.02
C ALA A 184 8.31 3.39 -8.57
N GLU A 185 8.34 4.23 -7.53
CA GLU A 185 9.61 4.69 -6.95
C GLU A 185 10.48 3.50 -6.53
N ALA A 186 9.85 2.52 -5.88
CA ALA A 186 10.54 1.32 -5.43
C ALA A 186 11.17 0.54 -6.58
N PHE A 187 10.43 0.30 -7.66
CA PHE A 187 11.01 -0.39 -8.83
C PHE A 187 12.17 0.36 -9.49
N VAL A 188 12.11 1.69 -9.54
CA VAL A 188 13.18 2.48 -10.15
C VAL A 188 14.42 2.48 -9.24
N LEU A 189 14.19 2.63 -7.93
CA LEU A 189 15.27 2.57 -6.96
C LEU A 189 15.97 1.21 -7.01
N ALA A 190 15.18 0.13 -7.04
CA ALA A 190 15.72 -1.22 -7.10
C ALA A 190 16.64 -1.40 -8.30
N GLU A 191 16.18 -0.97 -9.47
CA GLU A 191 16.93 -1.10 -10.71
C GLU A 191 18.26 -0.34 -10.65
N LYS A 192 18.25 0.88 -10.14
CA LYS A 192 19.49 1.64 -9.96
C LYS A 192 20.42 1.00 -8.91
N LEU A 193 19.86 0.33 -7.92
CA LEU A 193 20.64 -0.46 -6.93
C LEU A 193 21.19 -1.80 -7.43
N GLY A 194 20.78 -2.23 -8.62
CA GLY A 194 21.19 -3.52 -9.18
C GLY A 194 20.31 -4.68 -8.74
N LEU A 195 19.16 -4.37 -8.15
CA LEU A 195 18.20 -5.39 -7.74
C LEU A 195 17.22 -5.60 -8.88
N SER A 196 17.07 -6.84 -9.36
CA SER A 196 16.17 -7.12 -10.48
C SER A 196 14.67 -6.88 -10.13
N ALA A 197 13.89 -6.58 -11.17
CA ALA A 197 12.47 -6.32 -11.01
C ALA A 197 11.75 -7.54 -10.44
N GLN A 198 12.12 -8.72 -10.92
CA GLN A 198 11.53 -9.96 -10.42
C GLN A 198 11.87 -10.22 -8.95
N SER A 199 13.10 -9.89 -8.53
CA SER A 199 13.50 -10.10 -7.13
C SER A 199 12.72 -9.19 -6.20
N LEU A 200 12.62 -7.91 -6.57
CA LEU A 200 11.85 -6.97 -5.78
C LEU A 200 10.38 -7.35 -5.71
N PHE A 201 9.81 -7.73 -6.87
CA PHE A 201 8.45 -8.25 -6.92
C PHE A 201 8.23 -9.41 -5.95
N ASP A 202 9.08 -10.44 -6.04
CA ASP A 202 9.00 -11.58 -5.11
C ASP A 202 9.08 -11.13 -3.65
N VAL A 203 9.97 -10.20 -3.32
CA VAL A 203 10.11 -9.74 -1.93
C VAL A 203 8.87 -8.93 -1.49
N ILE A 204 8.52 -7.87 -2.23
CA ILE A 204 7.41 -6.99 -1.81
C ILE A 204 6.08 -7.76 -1.73
N THR A 205 5.80 -8.64 -2.69
CA THR A 205 4.53 -9.37 -2.65
C THR A 205 4.43 -10.38 -1.52
N GLY A 206 5.57 -10.82 -0.98
CA GLY A 206 5.58 -11.63 0.24
C GLY A 206 5.83 -10.87 1.53
N ALA A 207 5.84 -9.54 1.48
CA ALA A 207 6.17 -8.72 2.64
C ALA A 207 5.13 -7.62 2.90
N THR A 208 5.42 -6.73 3.86
CA THR A 208 4.47 -5.72 4.33
C THR A 208 4.05 -4.66 3.28
N GLY A 209 4.89 -4.45 2.27
CA GLY A 209 4.62 -3.50 1.21
C GLY A 209 3.62 -3.96 0.15
N ASN A 210 3.17 -5.22 0.20
CA ASN A 210 2.28 -5.75 -0.83
C ASN A 210 0.96 -5.00 -0.98
N CYS A 211 0.57 -4.75 -2.22
CA CYS A 211 -0.71 -4.11 -2.52
C CYS A 211 -1.02 -4.34 -3.99
N TRP A 212 -2.26 -4.10 -4.36
CA TRP A 212 -2.75 -4.29 -5.73
C TRP A 212 -1.87 -3.59 -6.78
N ALA A 213 -1.40 -2.39 -6.43
CA ALA A 213 -0.49 -1.60 -7.27
C ALA A 213 0.75 -2.37 -7.79
N VAL A 214 1.23 -3.34 -7.00
CA VAL A 214 2.30 -4.23 -7.44
C VAL A 214 1.78 -5.62 -7.84
N HIS A 215 0.97 -6.28 -7.01
CA HIS A 215 0.61 -7.69 -7.31
C HIS A 215 -0.24 -7.86 -8.56
N THR A 216 -1.02 -6.84 -8.91
CA THR A 216 -1.82 -6.83 -10.13
C THR A 216 -1.43 -5.74 -11.14
N ASN A 217 -1.06 -4.55 -10.67
CA ASN A 217 -0.76 -3.44 -11.59
C ASN A 217 0.74 -3.16 -11.79
N CYS A 218 1.57 -4.16 -11.54
CA CYS A 218 3.03 -4.00 -11.57
C CYS A 218 3.52 -3.09 -12.71
N PRO A 219 4.18 -1.95 -12.39
CA PRO A 219 4.51 -0.97 -13.41
C PRO A 219 5.74 -1.27 -14.27
N VAL A 220 6.37 -2.43 -14.08
CA VAL A 220 7.46 -2.87 -14.96
C VAL A 220 7.04 -4.19 -15.62
N PRO A 221 7.41 -4.39 -16.90
CA PRO A 221 6.99 -5.60 -17.60
C PRO A 221 7.67 -6.85 -17.07
N GLY A 222 6.94 -7.96 -17.04
CA GLY A 222 7.51 -9.27 -16.72
C GLY A 222 6.84 -9.97 -15.54
N PRO A 223 6.95 -9.39 -14.34
CA PRO A 223 6.44 -10.10 -13.15
C PRO A 223 4.95 -10.39 -13.13
N VAL A 224 4.14 -9.55 -13.77
CA VAL A 224 2.69 -9.77 -13.91
C VAL A 224 2.35 -9.60 -15.40
N PRO A 225 2.36 -10.70 -16.18
CA PRO A 225 2.17 -10.61 -17.64
C PRO A 225 0.93 -9.79 -18.08
N THR A 226 -0.16 -9.85 -17.32
CA THR A 226 -1.36 -9.10 -17.64
C THR A 226 -1.38 -7.61 -17.25
N SER A 227 -0.36 -7.10 -16.55
CA SER A 227 -0.39 -5.71 -16.12
C SER A 227 -0.18 -4.75 -17.33
N PRO A 228 -0.73 -3.52 -17.24
CA PRO A 228 -0.63 -2.53 -18.34
C PRO A 228 0.78 -2.26 -18.86
N ALA A 229 1.78 -2.37 -17.99
CA ALA A 229 3.19 -2.22 -18.36
C ALA A 229 3.67 -3.18 -19.47
N ASN A 230 2.98 -4.31 -19.66
CA ASN A 230 3.30 -5.27 -20.72
C ASN A 230 2.49 -5.04 -22.00
N ASN A 231 1.64 -4.01 -22.00
CA ASN A 231 0.76 -3.72 -23.11
C ASN A 231 0.70 -2.20 -23.34
N ASP A 232 1.89 -1.59 -23.39
CA ASP A 232 2.08 -0.16 -23.66
C ASP A 232 1.25 0.76 -22.76
N PHE A 233 1.03 0.32 -21.52
CA PHE A 233 0.20 1.04 -20.56
C PHE A 233 -1.20 1.40 -21.06
N LYS A 234 -1.83 0.49 -21.81
CA LYS A 234 -3.23 0.67 -22.16
C LYS A 234 -4.04 0.53 -20.88
N PRO A 235 -4.97 1.46 -20.62
CA PRO A 235 -5.86 1.25 -19.47
C PRO A 235 -6.69 -0.02 -19.67
N GLY A 236 -7.13 -0.72 -18.61
CA GLY A 236 -6.77 -0.47 -17.22
C GLY A 236 -7.53 0.71 -16.62
N PHE A 237 -6.83 1.54 -15.85
CA PHE A 237 -7.41 2.67 -15.15
C PHE A 237 -6.61 3.91 -15.53
N SER A 238 -7.21 4.76 -16.36
CA SER A 238 -6.48 5.85 -17.02
C SER A 238 -6.02 6.92 -16.05
N THR A 239 -4.91 7.57 -16.39
CA THR A 239 -4.43 8.74 -15.66
C THR A 239 -5.51 9.83 -15.59
N ALA A 240 -6.22 10.05 -16.71
CA ALA A 240 -7.35 10.98 -16.77
C ALA A 240 -8.35 10.75 -15.63
N LEU A 241 -8.75 9.50 -15.43
CA LEU A 241 -9.74 9.15 -14.41
C LEU A 241 -9.17 9.20 -12.99
N MET A 242 -7.91 8.80 -12.82
CA MET A 242 -7.28 8.90 -11.51
C MET A 242 -7.10 10.36 -11.14
N ASN A 243 -6.70 11.18 -12.10
CA ASN A 243 -6.58 12.63 -11.93
C ASN A 243 -7.93 13.21 -11.48
N LYS A 244 -9.02 12.76 -12.10
CA LYS A 244 -10.37 13.18 -11.73
C LYS A 244 -10.71 12.84 -10.26
N ASP A 245 -10.43 11.60 -9.84
CA ASP A 245 -10.69 11.19 -8.46
C ASP A 245 -9.88 11.94 -7.44
N LEU A 246 -8.61 12.21 -7.76
CA LEU A 246 -7.75 13.01 -6.89
C LEU A 246 -8.19 14.47 -6.79
N GLY A 247 -8.70 15.05 -7.88
CA GLY A 247 -9.33 16.38 -7.83
C GLY A 247 -10.45 16.44 -6.79
N LEU A 248 -11.26 15.38 -6.74
CA LEU A 248 -12.32 15.26 -5.74
C LEU A 248 -11.82 15.00 -4.32
N ALA A 249 -10.76 14.20 -4.20
CA ALA A 249 -10.08 14.04 -2.92
C ALA A 249 -9.56 15.39 -2.41
N MET A 250 -8.97 16.20 -3.29
CA MET A 250 -8.50 17.55 -2.91
C MET A 250 -9.63 18.51 -2.52
N ASP A 251 -10.77 18.39 -3.20
CA ASP A 251 -11.97 19.13 -2.79
C ASP A 251 -12.42 18.71 -1.39
N ALA A 252 -12.46 17.41 -1.13
CA ALA A 252 -12.80 16.92 0.20
C ALA A 252 -11.82 17.45 1.28
N VAL A 253 -10.52 17.46 0.94
CA VAL A 253 -9.47 17.95 1.82
C VAL A 253 -9.65 19.44 2.10
N ALA A 254 -9.90 20.22 1.04
CA ALA A 254 -10.12 21.66 1.19
C ALA A 254 -11.35 21.94 2.03
N ALA A 255 -12.46 21.26 1.72
CA ALA A 255 -13.71 21.45 2.43
C ALA A 255 -13.67 21.08 3.93
N THR A 256 -12.85 20.10 4.31
CA THR A 256 -12.75 19.67 5.71
C THR A 256 -11.60 20.33 6.47
N GLY A 257 -10.65 20.92 5.76
CA GLY A 257 -9.43 21.42 6.37
C GLY A 257 -8.50 20.30 6.80
N ALA A 258 -8.55 19.16 6.10
CA ALA A 258 -7.78 17.99 6.48
C ALA A 258 -6.31 18.15 6.11
N THR A 259 -5.47 17.39 6.79
CA THR A 259 -4.04 17.34 6.52
C THR A 259 -3.77 16.04 5.81
N ALA A 260 -3.41 16.13 4.53
CA ALA A 260 -3.17 14.95 3.69
C ALA A 260 -1.93 15.20 2.80
N PRO A 261 -0.74 15.23 3.40
CA PRO A 261 0.45 15.58 2.64
C PRO A 261 0.80 14.65 1.47
N LEU A 262 0.72 13.34 1.67
CA LEU A 262 1.06 12.41 0.59
C LEU A 262 -0.04 12.32 -0.47
N GLY A 263 -1.29 12.36 -0.05
CA GLY A 263 -2.41 12.43 -0.97
C GLY A 263 -2.36 13.66 -1.87
N SER A 264 -2.09 14.82 -1.26
CA SER A 264 -1.94 16.06 -2.01
C SER A 264 -0.72 16.09 -2.92
N HIS A 265 0.36 15.44 -2.49
CA HIS A 265 1.56 15.34 -3.34
C HIS A 265 1.24 14.44 -4.53
N ALA A 266 0.55 13.33 -4.28
CA ALA A 266 0.13 12.41 -5.33
C ALA A 266 -0.79 13.11 -6.31
N ALA A 267 -1.69 13.92 -5.77
CA ALA A 267 -2.61 14.70 -6.58
C ALA A 267 -1.83 15.61 -7.52
N ASP A 268 -0.82 16.32 -7.01
CA ASP A 268 0.05 17.18 -7.85
C ASP A 268 0.74 16.37 -8.93
N ILE A 269 1.34 15.25 -8.54
CA ILE A 269 2.05 14.38 -9.47
C ILE A 269 1.14 13.91 -10.61
N TYR A 270 -0.06 13.45 -10.29
CA TYR A 270 -0.95 12.95 -11.34
C TYR A 270 -1.56 14.05 -12.21
N ALA A 271 -1.81 15.24 -11.64
CA ALA A 271 -2.31 16.39 -12.41
C ALA A 271 -1.32 16.78 -13.51
N LYS A 272 -0.05 16.87 -13.14
CA LYS A 272 1.04 17.17 -14.07
C LYS A 272 1.21 16.07 -15.12
N PHE A 273 1.16 14.81 -14.68
CA PHE A 273 1.27 13.67 -15.58
C PHE A 273 0.13 13.59 -16.59
N ALA A 274 -1.09 13.91 -16.13
CA ALA A 274 -2.28 13.93 -16.97
C ALA A 274 -2.25 14.98 -18.09
N ALA A 275 -1.39 16.00 -17.97
CA ALA A 275 -1.20 17.01 -19.03
C ALA A 275 -0.53 16.42 -20.25
N ASP A 276 0.26 15.36 -20.06
CA ASP A 276 0.99 14.67 -21.15
C ASP A 276 0.48 13.27 -21.51
N HIS A 277 0.01 12.51 -20.52
CA HIS A 277 -0.27 11.07 -20.68
C HIS A 277 -1.62 10.61 -20.09
N ALA A 278 -2.63 11.47 -20.21
CA ALA A 278 -4.00 11.19 -19.70
C ALA A 278 -4.56 9.85 -20.17
N ASP A 279 -4.20 9.46 -21.39
CA ASP A 279 -4.69 8.22 -22.01
C ASP A 279 -3.96 6.94 -21.56
N LEU A 280 -2.92 7.06 -20.74
CA LEU A 280 -2.18 5.88 -20.29
C LEU A 280 -2.70 5.40 -18.95
N ASP A 281 -2.52 4.13 -18.68
CA ASP A 281 -2.74 3.62 -17.34
C ASP A 281 -1.96 4.44 -16.35
N PHE A 282 -2.61 4.71 -15.21
CA PHE A 282 -1.99 5.48 -14.13
C PHE A 282 -0.69 4.92 -13.55
N SER A 283 -0.44 3.62 -13.77
CA SER A 283 0.86 3.00 -13.41
C SER A 283 2.03 3.53 -14.25
N ALA A 284 1.72 4.13 -15.41
CA ALA A 284 2.75 4.74 -16.28
C ALA A 284 3.47 5.93 -15.63
N VAL A 285 2.94 6.42 -14.52
CA VAL A 285 3.61 7.39 -13.65
C VAL A 285 5.07 7.04 -13.32
N ILE A 286 5.42 5.75 -13.38
CA ILE A 286 6.81 5.32 -13.20
C ILE A 286 7.78 6.06 -14.11
N HIS A 287 7.33 6.41 -15.29
CA HIS A 287 8.15 7.06 -16.28
C HIS A 287 8.16 8.57 -16.26
N THR A 288 7.52 9.16 -15.29
CA THR A 288 7.48 10.62 -15.17
C THR A 288 8.17 11.12 -13.90
N LEU A 289 8.84 10.22 -13.17
CA LEU A 289 9.45 10.59 -11.89
C LEU A 289 10.64 11.54 -12.05
N ARG A 290 11.32 11.52 -13.20
CA ARG A 290 12.46 12.43 -13.43
C ARG A 290 12.03 13.83 -13.88
N ALA A 291 10.74 14.03 -14.15
CA ALA A 291 10.17 15.39 -14.24
C ALA A 291 10.08 16.07 -12.88
N ARG A 292 10.13 15.23 -11.84
CA ARG A 292 10.10 15.61 -10.43
C ARG A 292 11.51 15.91 -9.90
N ALA A 293 12.52 15.36 -10.55
CA ALA A 293 13.93 15.51 -10.19
C ALA A 293 14.32 16.93 -9.83
N ASP A 294 14.89 17.07 -8.65
CA ASP A 294 15.35 18.34 -8.13
C ASP A 294 16.85 18.30 -7.87
N MET B 1 23.00 -29.20 9.76
CA MET B 1 24.24 -29.76 10.21
C MET B 1 24.81 -28.89 11.31
N MET B 2 25.12 -29.51 12.44
CA MET B 2 25.58 -28.79 13.61
C MET B 2 26.92 -28.12 13.38
N THR B 3 26.98 -26.85 13.68
CA THR B 3 28.14 -26.02 13.41
C THR B 3 28.55 -25.14 14.56
N THR B 4 29.78 -24.64 14.53
CA THR B 4 30.20 -23.64 15.51
C THR B 4 30.00 -22.24 14.93
N ILE B 5 29.21 -21.43 15.62
CA ILE B 5 28.79 -20.11 15.13
C ILE B 5 29.25 -19.04 16.10
N ALA B 6 29.96 -18.04 15.61
CA ALA B 6 30.24 -16.86 16.44
C ALA B 6 29.11 -15.85 16.23
N PHE B 7 28.54 -15.32 17.31
CA PHE B 7 27.44 -14.36 17.21
C PHE B 7 27.89 -13.04 17.85
N LEU B 8 28.14 -12.04 17.03
CA LEU B 8 28.55 -10.70 17.44
C LEU B 8 27.36 -9.73 17.40
N GLY B 9 26.98 -9.27 18.57
CA GLY B 9 25.76 -8.45 18.72
C GLY B 9 24.65 -9.30 19.28
N LEU B 10 24.44 -9.20 20.59
CA LEU B 10 23.52 -10.03 21.35
C LEU B 10 22.42 -9.17 22.00
N GLY B 11 21.98 -8.15 21.26
CA GLY B 11 20.96 -7.20 21.73
C GLY B 11 19.57 -7.78 21.58
N ASN B 12 18.59 -6.90 21.38
CA ASN B 12 17.16 -7.29 21.29
C ASN B 12 16.83 -8.33 20.22
N MET B 13 17.58 -8.31 19.12
CA MET B 13 17.42 -9.26 18.05
C MET B 13 18.43 -10.39 18.21
N GLY B 14 19.70 -10.02 18.39
CA GLY B 14 20.78 -10.98 18.55
C GLY B 14 20.57 -12.06 19.61
N ALA B 15 20.10 -11.65 20.80
CA ALA B 15 19.93 -12.59 21.91
C ALA B 15 18.92 -13.68 21.58
N PRO B 16 17.69 -13.32 21.16
CA PRO B 16 16.75 -14.41 20.82
C PRO B 16 17.17 -15.25 19.59
N MET B 17 17.77 -14.61 18.59
CA MET B 17 18.33 -15.35 17.43
C MET B 17 19.36 -16.38 17.86
N SER B 18 20.30 -15.97 18.70
CA SER B 18 21.32 -16.89 19.21
C SER B 18 20.72 -18.01 20.07
N ALA B 19 19.68 -17.73 20.84
CA ALA B 19 19.02 -18.78 21.65
C ALA B 19 18.43 -19.90 20.78
N ASN B 20 17.86 -19.53 19.64
CA ASN B 20 17.32 -20.51 18.70
C ASN B 20 18.42 -21.35 18.04
N LEU B 21 19.58 -20.75 17.80
CA LEU B 21 20.73 -21.50 17.32
C LEU B 21 21.21 -22.52 18.36
N VAL B 22 21.29 -22.12 19.63
CA VAL B 22 21.62 -23.06 20.72
C VAL B 22 20.58 -24.18 20.77
N GLY B 23 19.30 -23.81 20.76
CA GLY B 23 18.21 -24.77 20.74
C GLY B 23 18.30 -25.76 19.57
N ALA B 24 18.83 -25.32 18.42
CA ALA B 24 19.01 -26.23 17.27
C ALA B 24 20.23 -27.14 17.37
N GLY B 25 21.04 -26.99 18.42
CA GLY B 25 22.18 -27.87 18.68
C GLY B 25 23.52 -27.29 18.27
N HIS B 26 23.54 -26.06 17.75
CA HIS B 26 24.81 -25.42 17.38
C HIS B 26 25.57 -24.96 18.62
N VAL B 27 26.89 -24.95 18.52
CA VAL B 27 27.75 -24.34 19.53
C VAL B 27 27.84 -22.85 19.15
N VAL B 28 27.36 -21.98 20.05
CA VAL B 28 27.34 -20.55 19.76
C VAL B 28 28.32 -19.80 20.67
N ARG B 29 29.24 -19.09 20.04
CA ARG B 29 30.29 -18.32 20.68
C ARG B 29 29.95 -16.82 20.55
N GLY B 30 29.60 -16.17 21.65
CA GLY B 30 29.03 -14.82 21.58
C GLY B 30 29.96 -13.73 22.02
N PHE B 31 29.81 -12.56 21.42
CA PHE B 31 30.40 -11.34 21.94
C PHE B 31 29.44 -10.16 21.78
N ASP B 32 29.36 -9.34 22.82
CA ASP B 32 28.72 -8.04 22.75
C ASP B 32 29.44 -7.15 23.77
N PRO B 33 29.80 -5.91 23.40
CA PRO B 33 30.49 -5.07 24.40
C PRO B 33 29.60 -4.51 25.52
N ALA B 34 28.28 -4.66 25.44
CA ALA B 34 27.38 -4.36 26.55
C ALA B 34 27.23 -5.67 27.37
N PRO B 35 27.85 -5.74 28.57
CA PRO B 35 27.80 -6.95 29.39
C PRO B 35 26.40 -7.43 29.75
N THR B 36 25.43 -6.51 29.86
CA THR B 36 24.04 -6.90 30.12
C THR B 36 23.51 -7.79 29.00
N ALA B 37 23.77 -7.41 27.76
CA ALA B 37 23.38 -8.17 26.60
C ALA B 37 24.02 -9.55 26.62
N ALA B 38 25.33 -9.56 26.80
CA ALA B 38 26.08 -10.80 26.88
C ALA B 38 25.60 -11.74 28.01
N SER B 39 25.24 -11.17 29.18
CA SER B 39 24.74 -11.98 30.31
C SER B 39 23.48 -12.74 29.94
N GLY B 40 22.52 -12.04 29.33
CA GLY B 40 21.27 -12.63 28.87
C GLY B 40 21.47 -13.77 27.88
N ALA B 41 22.34 -13.55 26.90
CA ALA B 41 22.67 -14.58 25.92
C ALA B 41 23.35 -15.80 26.58
N ALA B 42 24.31 -15.57 27.49
CA ALA B 42 24.92 -16.65 28.27
C ALA B 42 23.88 -17.50 29.02
N ALA B 43 22.87 -16.85 29.59
CA ALA B 43 21.81 -17.57 30.33
C ALA B 43 21.04 -18.61 29.50
N HIS B 44 20.95 -18.38 28.18
N HIS B 44 20.92 -18.38 28.19
CA HIS B 44 20.29 -19.32 27.28
CA HIS B 44 20.29 -19.36 27.29
C HIS B 44 21.27 -20.24 26.50
C HIS B 44 21.29 -20.18 26.46
N GLY B 45 22.53 -20.30 26.93
CA GLY B 45 23.51 -21.27 26.39
C GLY B 45 24.63 -20.79 25.48
N VAL B 46 24.72 -19.49 25.24
CA VAL B 46 25.80 -18.95 24.42
C VAL B 46 27.10 -18.91 25.25
N ALA B 47 28.20 -19.39 24.70
CA ALA B 47 29.49 -19.23 25.35
C ALA B 47 29.99 -17.83 25.03
N VAL B 48 30.07 -16.98 26.06
CA VAL B 48 30.42 -15.58 25.89
C VAL B 48 31.93 -15.40 26.07
N PHE B 49 32.52 -14.60 25.18
CA PHE B 49 33.96 -14.36 25.15
C PHE B 49 34.31 -12.93 25.52
N ARG B 50 35.58 -12.74 25.83
CA ARG B 50 36.12 -11.46 26.30
C ARG B 50 36.23 -10.42 25.15
N SER B 51 36.36 -10.89 23.91
CA SER B 51 36.52 -10.02 22.75
C SER B 51 35.97 -10.67 21.50
N ALA B 52 35.60 -9.84 20.53
CA ALA B 52 35.10 -10.32 19.26
C ALA B 52 36.11 -11.22 18.56
N PRO B 53 37.40 -10.84 18.52
CA PRO B 53 38.39 -11.74 17.92
C PRO B 53 38.49 -13.12 18.54
N GLU B 54 38.33 -13.21 19.86
CA GLU B 54 38.32 -14.51 20.54
C GLU B 54 37.12 -15.37 20.12
N ALA B 55 35.94 -14.76 20.08
CA ALA B 55 34.71 -15.48 19.72
C ALA B 55 34.79 -16.04 18.31
N VAL B 56 35.40 -15.26 17.43
CA VAL B 56 35.54 -15.59 16.00
C VAL B 56 36.60 -16.70 15.70
N ALA B 57 37.57 -16.87 16.60
CA ALA B 57 38.78 -17.64 16.31
C ALA B 57 38.53 -19.09 15.92
N GLU B 58 37.50 -19.70 16.49
CA GLU B 58 37.20 -21.11 16.25
C GLU B 58 35.80 -21.29 15.70
N ALA B 59 35.35 -20.43 14.79
CA ALA B 59 33.98 -20.50 14.27
C ALA B 59 33.97 -20.83 12.78
N ASP B 60 33.04 -21.68 12.38
CA ASP B 60 32.76 -21.95 10.96
C ASP B 60 31.93 -20.83 10.34
N VAL B 61 31.08 -20.19 11.16
CA VAL B 61 30.18 -19.15 10.71
C VAL B 61 30.23 -18.00 11.72
N VAL B 62 30.23 -16.78 11.21
CA VAL B 62 30.20 -15.57 12.04
C VAL B 62 29.01 -14.74 11.64
N ILE B 63 28.08 -14.58 12.58
CA ILE B 63 26.92 -13.73 12.41
C ILE B 63 27.13 -12.41 13.13
N THR B 64 26.84 -11.30 12.43
CA THR B 64 26.80 -9.96 13.03
C THR B 64 25.38 -9.42 13.03
N MET B 65 24.97 -8.87 14.17
CA MET B 65 23.68 -8.20 14.31
C MET B 65 23.96 -6.90 15.08
N LEU B 66 24.31 -5.86 14.33
CA LEU B 66 24.89 -4.61 14.85
C LEU B 66 24.07 -3.40 14.37
N PRO B 67 24.16 -2.28 15.09
CA PRO B 67 23.19 -1.18 14.85
C PRO B 67 23.39 -0.31 13.63
N THR B 68 24.63 -0.19 13.12
CA THR B 68 24.94 0.69 11.99
C THR B 68 26.02 0.10 11.10
N GLY B 69 26.11 0.64 9.89
CA GLY B 69 27.16 0.30 8.96
C GLY B 69 28.55 0.58 9.51
N GLU B 70 28.69 1.73 10.18
CA GLU B 70 29.95 2.08 10.84
C GLU B 70 30.40 1.00 11.85
N VAL B 71 29.46 0.52 12.65
CA VAL B 71 29.77 -0.52 13.65
C VAL B 71 30.12 -1.85 12.94
N VAL B 72 29.41 -2.18 11.87
CA VAL B 72 29.72 -3.40 11.10
C VAL B 72 31.13 -3.31 10.52
N ARG B 73 31.45 -2.19 9.89
CA ARG B 73 32.77 -1.99 9.32
C ARG B 73 33.85 -2.10 10.40
N ARG B 74 33.61 -1.45 11.53
CA ARG B 74 34.53 -1.45 12.66
C ARG B 74 34.77 -2.88 13.17
N CYS B 75 33.70 -3.63 13.33
CA CYS B 75 33.75 -5.03 13.75
C CYS B 75 34.55 -5.90 12.75
N TYR B 76 34.20 -5.82 11.48
CA TYR B 76 34.88 -6.58 10.43
C TYR B 76 36.40 -6.29 10.48
N THR B 77 36.76 -5.01 10.56
CA THR B 77 38.15 -4.61 10.68
C THR B 77 38.83 -5.21 11.92
N ASP B 78 38.16 -5.38 13.02
N ASP B 78 38.17 -5.39 13.03
CA ASP B 78 38.72 -5.96 14.21
CA ASP B 78 38.72 -5.95 14.21
C ASP B 78 38.77 -7.49 14.19
C ASP B 78 38.75 -7.49 14.21
N VAL B 79 37.92 -8.14 13.43
CA VAL B 79 37.84 -9.61 13.54
C VAL B 79 38.26 -10.42 12.32
N LEU B 80 38.24 -9.86 11.10
CA LEU B 80 38.48 -10.67 9.91
C LEU B 80 39.82 -11.40 9.93
N ALA B 81 40.88 -10.71 10.38
CA ALA B 81 42.20 -11.34 10.48
C ALA B 81 42.26 -12.47 11.52
N ALA B 82 41.38 -12.44 12.53
CA ALA B 82 41.32 -13.49 13.55
C ALA B 82 40.58 -14.75 13.11
N ALA B 83 39.71 -14.64 12.10
CA ALA B 83 38.91 -15.79 11.69
C ALA B 83 39.76 -16.74 10.86
N ARG B 84 39.38 -18.01 10.85
CA ARG B 84 40.01 -19.00 10.00
C ARG B 84 39.63 -18.72 8.53
N PRO B 85 40.58 -18.92 7.58
CA PRO B 85 40.29 -18.70 6.17
C PRO B 85 39.06 -19.44 5.66
N ALA B 86 38.29 -18.78 4.81
CA ALA B 86 37.06 -19.33 4.25
C ALA B 86 35.93 -19.58 5.30
N THR B 87 36.00 -18.83 6.40
CA THR B 87 34.87 -18.75 7.34
C THR B 87 33.74 -17.97 6.65
N LEU B 88 32.50 -18.35 6.95
CA LEU B 88 31.31 -17.72 6.37
C LEU B 88 30.80 -16.62 7.29
N PHE B 89 30.79 -15.39 6.80
CA PHE B 89 30.27 -14.25 7.53
C PHE B 89 28.87 -13.92 7.01
N ILE B 90 27.91 -13.82 7.93
CA ILE B 90 26.57 -13.38 7.58
C ILE B 90 26.28 -12.09 8.34
N ASP B 91 26.02 -11.00 7.63
CA ASP B 91 25.62 -9.75 8.28
C ASP B 91 24.11 -9.64 8.19
N SER B 92 23.45 -9.79 9.33
CA SER B 92 22.01 -9.63 9.43
C SER B 92 21.61 -8.27 9.98
N SER B 93 22.58 -7.38 10.22
CA SER B 93 22.34 -5.96 10.45
C SER B 93 21.60 -5.33 9.26
N THR B 94 20.88 -4.23 9.52
CA THR B 94 20.23 -3.45 8.50
C THR B 94 21.07 -2.20 8.30
N ILE B 95 21.77 -2.14 7.18
CA ILE B 95 22.72 -1.06 6.90
C ILE B 95 22.55 -0.62 5.46
N SER B 96 23.16 0.47 5.08
CA SER B 96 23.03 0.94 3.72
C SER B 96 23.57 -0.04 2.69
N VAL B 97 23.05 0.03 1.49
CA VAL B 97 23.50 -0.79 0.39
C VAL B 97 25.00 -0.58 0.12
N THR B 98 25.43 0.67 0.15
CA THR B 98 26.81 1.05 -0.03
C THR B 98 27.69 0.42 1.07
N ASP B 99 27.28 0.56 2.33
CA ASP B 99 28.03 -0.04 3.42
C ASP B 99 28.12 -1.56 3.29
N ALA B 100 27.01 -2.21 2.91
CA ALA B 100 26.96 -3.66 2.71
C ALA B 100 27.96 -4.15 1.68
N ARG B 101 27.99 -3.48 0.54
CA ARG B 101 28.96 -3.82 -0.52
C ARG B 101 30.41 -3.54 -0.11
N GLU B 102 30.64 -2.48 0.67
CA GLU B 102 31.98 -2.21 1.19
C GLU B 102 32.43 -3.36 2.11
N VAL B 103 31.60 -3.70 3.11
CA VAL B 103 31.98 -4.76 4.07
C VAL B 103 32.04 -6.15 3.43
N HIS B 104 31.24 -6.38 2.39
CA HIS B 104 31.29 -7.64 1.65
C HIS B 104 32.64 -7.79 0.95
N ALA B 105 33.07 -6.74 0.26
CA ALA B 105 34.37 -6.75 -0.42
C ALA B 105 35.52 -6.87 0.57
N LEU B 106 35.39 -6.22 1.72
CA LEU B 106 36.41 -6.29 2.77
C LEU B 106 36.57 -7.72 3.25
N ALA B 107 35.45 -8.37 3.52
CA ALA B 107 35.41 -9.75 3.97
C ALA B 107 36.06 -10.67 2.93
N GLU B 108 35.69 -10.49 1.67
CA GLU B 108 36.24 -11.33 0.63
C GLU B 108 37.75 -11.08 0.41
N SER B 109 38.22 -9.84 0.59
CA SER B 109 39.65 -9.54 0.49
C SER B 109 40.47 -10.19 1.60
N HIS B 110 39.81 -10.49 2.72
CA HIS B 110 40.42 -11.28 3.81
C HIS B 110 40.25 -12.81 3.66
N GLY B 111 39.66 -13.27 2.55
CA GLY B 111 39.48 -14.69 2.30
C GLY B 111 38.23 -15.31 2.91
N MET B 112 37.23 -14.50 3.26
CA MET B 112 36.03 -14.98 3.92
C MET B 112 34.86 -14.92 2.95
N LEU B 113 33.96 -15.89 3.10
CA LEU B 113 32.68 -15.86 2.39
C LEU B 113 31.80 -14.83 3.11
N GLN B 114 30.99 -14.08 2.38
CA GLN B 114 30.08 -13.14 3.04
C GLN B 114 28.71 -12.95 2.37
N LEU B 115 27.66 -12.92 3.19
CA LEU B 115 26.29 -12.63 2.75
C LEU B 115 25.75 -11.43 3.50
N ASP B 116 24.92 -10.62 2.86
CA ASP B 116 24.04 -9.70 3.59
C ASP B 116 22.72 -10.39 3.74
N ALA B 117 22.20 -10.40 4.96
CA ALA B 117 20.99 -11.12 5.27
C ALA B 117 20.18 -10.40 6.34
N PRO B 118 19.81 -9.14 6.07
CA PRO B 118 18.96 -8.41 6.99
C PRO B 118 17.58 -9.06 7.12
N VAL B 119 16.93 -8.78 8.24
CA VAL B 119 15.73 -9.52 8.63
C VAL B 119 14.57 -8.59 8.90
N SER B 120 13.36 -9.11 8.70
CA SER B 120 12.16 -8.45 9.15
C SER B 120 11.42 -9.40 10.10
N GLY B 121 10.63 -8.81 11.00
CA GLY B 121 9.88 -9.55 12.01
C GLY B 121 10.05 -9.04 13.44
N GLY B 122 11.10 -8.23 13.67
CA GLY B 122 11.35 -7.66 15.00
C GLY B 122 11.65 -8.72 16.05
N VAL B 123 11.61 -8.28 17.31
CA VAL B 123 11.93 -9.15 18.44
C VAL B 123 10.98 -10.34 18.58
N LYS B 124 9.71 -10.13 18.29
CA LYS B 124 8.74 -11.22 18.36
C LYS B 124 9.00 -12.27 17.30
N GLY B 125 9.33 -11.83 16.09
CA GLY B 125 9.74 -12.75 15.03
C GLY B 125 11.02 -13.50 15.39
N ALA B 126 11.96 -12.76 15.99
CA ALA B 126 13.25 -13.31 16.42
C ALA B 126 13.09 -14.41 17.46
N ALA B 127 12.25 -14.18 18.48
CA ALA B 127 12.02 -15.20 19.51
C ALA B 127 11.32 -16.43 18.97
N ALA B 128 10.33 -16.23 18.11
CA ALA B 128 9.55 -17.34 17.54
C ALA B 128 10.24 -18.02 16.37
N ALA B 129 11.36 -17.47 15.90
CA ALA B 129 12.08 -18.02 14.74
C ALA B 129 11.24 -17.96 13.45
N THR B 130 10.53 -16.83 13.29
CA THR B 130 9.70 -16.60 12.09
C THR B 130 10.21 -15.40 11.28
N LEU B 131 11.48 -15.01 11.50
CA LEU B 131 12.08 -13.92 10.75
C LEU B 131 12.10 -14.20 9.26
N ALA B 132 11.96 -13.16 8.46
CA ALA B 132 12.26 -13.26 7.03
C ALA B 132 13.69 -12.76 6.78
N PHE B 133 14.55 -13.62 6.27
CA PHE B 133 15.91 -13.22 5.83
C PHE B 133 15.87 -12.87 4.34
N MET B 134 16.30 -11.66 4.01
CA MET B 134 16.43 -11.25 2.61
C MET B 134 17.92 -11.22 2.31
N VAL B 135 18.36 -12.11 1.43
CA VAL B 135 19.77 -12.48 1.30
C VAL B 135 20.37 -11.97 0.00
N GLY B 136 21.55 -11.38 0.10
CA GLY B 136 22.36 -10.97 -1.05
C GLY B 136 23.71 -11.66 -1.01
N GLY B 137 24.17 -12.12 -2.18
CA GLY B 137 25.47 -12.81 -2.30
C GLY B 137 25.38 -14.02 -3.22
N ASP B 138 26.35 -14.92 -3.12
CA ASP B 138 26.43 -16.07 -4.04
C ASP B 138 25.43 -17.14 -3.68
N GLU B 139 24.85 -17.77 -4.68
CA GLU B 139 23.90 -18.82 -4.47
C GLU B 139 24.49 -20.03 -3.71
N SER B 140 25.72 -20.39 -4.00
CA SER B 140 26.38 -21.47 -3.33
C SER B 140 26.64 -21.12 -1.88
N THR B 141 27.06 -19.91 -1.62
CA THR B 141 27.25 -19.45 -0.23
C THR B 141 25.94 -19.54 0.58
N LEU B 142 24.82 -19.18 -0.03
CA LEU B 142 23.52 -19.27 0.63
C LEU B 142 23.16 -20.73 0.92
N ARG B 143 23.46 -21.58 -0.05
CA ARG B 143 23.37 -23.03 0.10
C ARG B 143 24.12 -23.49 1.36
N ARG B 144 25.39 -23.09 1.49
CA ARG B 144 26.16 -23.36 2.72
C ARG B 144 25.50 -22.80 3.98
N ALA B 145 24.95 -21.59 3.86
CA ALA B 145 24.38 -20.88 5.01
C ALA B 145 23.02 -21.41 5.48
N ARG B 146 22.26 -22.04 4.60
CA ARG B 146 20.86 -22.41 4.90
C ARG B 146 20.60 -23.12 6.23
N PRO B 147 21.35 -24.21 6.52
CA PRO B 147 21.16 -24.90 7.81
C PRO B 147 21.35 -24.03 9.08
N VAL B 148 22.15 -22.98 8.98
CA VAL B 148 22.32 -21.99 10.05
C VAL B 148 21.14 -21.00 10.14
N LEU B 149 20.62 -20.57 9.00
CA LEU B 149 19.51 -19.61 8.97
C LEU B 149 18.16 -20.25 9.29
N GLU B 150 17.96 -21.50 8.86
CA GLU B 150 16.70 -22.21 9.05
C GLU B 150 16.18 -22.16 10.51
N PRO B 151 17.01 -22.48 11.51
CA PRO B 151 16.46 -22.41 12.88
C PRO B 151 16.05 -21.04 13.42
N MET B 152 16.38 -19.96 12.73
CA MET B 152 15.95 -18.61 13.10
C MET B 152 14.84 -18.04 12.22
N ALA B 153 14.48 -18.74 11.14
CA ALA B 153 13.77 -18.15 9.99
C ALA B 153 12.37 -18.75 9.74
N GLY B 154 11.44 -17.90 9.32
CA GLY B 154 10.18 -18.34 8.73
C GLY B 154 10.26 -18.31 7.21
N LYS B 155 11.12 -17.45 6.66
CA LYS B 155 11.31 -17.28 5.23
C LYS B 155 12.78 -16.91 4.96
N ILE B 156 13.34 -17.51 3.90
CA ILE B 156 14.68 -17.17 3.41
C ILE B 156 14.52 -16.92 1.92
N ILE B 157 14.81 -15.70 1.48
CA ILE B 157 14.66 -15.35 0.07
C ILE B 157 15.98 -14.79 -0.46
N HIS B 158 16.46 -15.39 -1.52
CA HIS B 158 17.65 -14.92 -2.21
C HIS B 158 17.28 -13.75 -3.12
N CYS B 159 17.88 -12.61 -2.91
CA CYS B 159 17.52 -11.37 -3.62
C CYS B 159 18.42 -11.01 -4.79
N GLY B 160 19.64 -11.55 -4.83
CA GLY B 160 20.59 -11.19 -5.88
C GLY B 160 21.99 -11.16 -5.33
N ALA B 161 22.85 -10.37 -5.97
CA ALA B 161 24.27 -10.27 -5.57
C ALA B 161 24.41 -9.47 -4.27
N ALA B 162 25.63 -9.43 -3.74
CA ALA B 162 25.91 -8.70 -2.50
C ALA B 162 25.29 -7.30 -2.48
N GLY B 163 24.60 -6.99 -1.39
CA GLY B 163 23.84 -5.76 -1.26
C GLY B 163 22.34 -5.86 -1.56
N ALA B 164 21.93 -6.92 -2.27
CA ALA B 164 20.54 -7.03 -2.75
C ALA B 164 19.56 -7.32 -1.62
N GLY B 165 20.03 -7.99 -0.57
CA GLY B 165 19.24 -8.18 0.64
C GLY B 165 18.87 -6.85 1.27
N GLN B 166 19.88 -6.00 1.47
CA GLN B 166 19.66 -4.66 2.02
C GLN B 166 18.75 -3.85 1.09
N ALA B 167 19.00 -3.93 -0.22
CA ALA B 167 18.23 -3.17 -1.21
C ALA B 167 16.74 -3.55 -1.16
N ALA B 168 16.47 -4.85 -1.13
CA ALA B 168 15.09 -5.33 -1.13
C ALA B 168 14.36 -4.88 0.15
N LYS B 169 15.04 -4.97 1.29
CA LYS B 169 14.46 -4.53 2.54
C LYS B 169 14.13 -3.03 2.54
N VAL B 170 15.08 -2.23 2.09
CA VAL B 170 14.93 -0.79 2.16
C VAL B 170 13.84 -0.31 1.19
N CYS B 171 13.73 -0.94 0.03
CA CYS B 171 12.63 -0.65 -0.90
C CYS B 171 11.26 -1.01 -0.31
N ASN B 172 11.15 -2.20 0.26
CA ASN B 172 9.90 -2.60 0.88
C ASN B 172 9.51 -1.66 2.01
N ASN B 173 10.46 -1.32 2.89
CA ASN B 173 10.15 -0.49 4.06
C ASN B 173 9.85 0.98 3.72
N MET B 174 10.43 1.48 2.63
CA MET B 174 10.06 2.79 2.10
C MET B 174 8.59 2.79 1.69
N VAL B 175 8.21 1.77 0.93
CA VAL B 175 6.82 1.62 0.49
C VAL B 175 5.89 1.55 1.70
N LEU B 176 6.26 0.75 2.70
CA LEU B 176 5.50 0.63 3.94
C LEU B 176 5.27 1.97 4.63
N ALA B 177 6.34 2.77 4.75
CA ALA B 177 6.27 4.09 5.39
C ALA B 177 5.27 4.98 4.69
N VAL B 178 5.35 5.01 3.37
CA VAL B 178 4.43 5.77 2.54
C VAL B 178 2.99 5.28 2.74
N GLN B 179 2.79 3.96 2.69
CA GLN B 179 1.46 3.37 2.90
C GLN B 179 0.88 3.67 4.29
N GLN B 180 1.72 3.64 5.32
CA GLN B 180 1.23 3.88 6.69
C GLN B 180 0.78 5.33 6.86
N ILE B 181 1.50 6.27 6.25
CA ILE B 181 1.08 7.68 6.25
C ILE B 181 -0.24 7.84 5.44
N ALA B 182 -0.29 7.23 4.26
CA ALA B 182 -1.47 7.36 3.39
C ALA B 182 -2.73 6.78 4.04
N ILE B 183 -2.59 5.65 4.73
CA ILE B 183 -3.71 5.04 5.45
C ILE B 183 -4.15 5.95 6.59
N ALA B 184 -3.20 6.53 7.33
CA ALA B 184 -3.52 7.49 8.37
C ALA B 184 -4.32 8.69 7.83
N GLU B 185 -3.89 9.25 6.70
CA GLU B 185 -4.57 10.37 6.03
C GLU B 185 -6.01 10.03 5.67
N ALA B 186 -6.20 8.84 5.09
CA ALA B 186 -7.52 8.35 4.70
C ALA B 186 -8.46 8.28 5.89
N PHE B 187 -7.99 7.71 7.01
CA PHE B 187 -8.81 7.55 8.19
C PHE B 187 -9.20 8.88 8.82
N VAL B 188 -8.31 9.86 8.80
CA VAL B 188 -8.61 11.16 9.38
C VAL B 188 -9.56 11.92 8.47
N LEU B 189 -9.30 11.89 7.16
CA LEU B 189 -10.20 12.50 6.17
C LEU B 189 -11.60 11.90 6.27
N ALA B 190 -11.69 10.58 6.35
CA ALA B 190 -12.94 9.88 6.56
C ALA B 190 -13.68 10.40 7.79
N GLU B 191 -12.96 10.59 8.91
CA GLU B 191 -13.59 11.11 10.12
C GLU B 191 -14.13 12.53 9.90
N LYS B 192 -13.36 13.38 9.23
CA LYS B 192 -13.86 14.73 8.94
C LYS B 192 -15.05 14.74 7.97
N LEU B 193 -15.15 13.73 7.11
CA LEU B 193 -16.27 13.57 6.18
C LEU B 193 -17.49 12.87 6.78
N GLY B 194 -17.41 12.40 8.02
CA GLY B 194 -18.47 11.63 8.65
C GLY B 194 -18.55 10.16 8.25
N LEU B 195 -17.48 9.63 7.64
CA LEU B 195 -17.42 8.20 7.29
C LEU B 195 -16.78 7.47 8.48
N SER B 196 -17.46 6.46 9.04
CA SER B 196 -16.94 5.76 10.24
C SER B 196 -15.66 4.98 9.93
N ALA B 197 -14.85 4.79 10.97
CA ALA B 197 -13.59 4.07 10.84
C ALA B 197 -13.83 2.65 10.38
N GLN B 198 -14.84 2.00 10.99
CA GLN B 198 -15.19 0.64 10.59
C GLN B 198 -15.57 0.56 9.12
N SER B 199 -16.34 1.55 8.63
CA SER B 199 -16.78 1.55 7.24
C SER B 199 -15.62 1.72 6.27
N LEU B 200 -14.76 2.69 6.55
CA LEU B 200 -13.57 2.88 5.72
C LEU B 200 -12.72 1.62 5.72
N PHE B 201 -12.50 1.04 6.89
CA PHE B 201 -11.75 -0.23 7.01
C PHE B 201 -12.32 -1.32 6.12
N ASP B 202 -13.62 -1.56 6.23
CA ASP B 202 -14.29 -2.58 5.41
C ASP B 202 -14.09 -2.31 3.91
N VAL B 203 -14.22 -1.05 3.50
CA VAL B 203 -14.09 -0.70 2.09
C VAL B 203 -12.67 -0.88 1.57
N ILE B 204 -11.70 -0.24 2.23
CA ILE B 204 -10.31 -0.29 1.76
C ILE B 204 -9.81 -1.72 1.76
N THR B 205 -10.10 -2.48 2.82
CA THR B 205 -9.65 -3.89 2.89
C THR B 205 -10.24 -4.80 1.84
N GLY B 206 -11.43 -4.48 1.34
CA GLY B 206 -12.04 -5.22 0.21
C GLY B 206 -11.75 -4.64 -1.17
N ALA B 207 -10.95 -3.57 -1.24
CA ALA B 207 -10.74 -2.82 -2.49
C ALA B 207 -9.24 -2.73 -2.85
N THR B 208 -8.90 -1.88 -3.82
CA THR B 208 -7.53 -1.80 -4.34
C THR B 208 -6.51 -1.18 -3.36
N GLY B 209 -6.98 -0.45 -2.36
CA GLY B 209 -6.10 0.19 -1.41
C GLY B 209 -5.59 -0.69 -0.28
N ASN B 210 -6.03 -1.95 -0.22
CA ASN B 210 -5.68 -2.83 0.89
C ASN B 210 -4.17 -3.01 0.98
N CYS B 211 -3.69 -3.04 2.20
CA CYS B 211 -2.28 -3.30 2.50
C CYS B 211 -2.14 -3.56 4.00
N TRP B 212 -1.00 -4.14 4.38
CA TRP B 212 -0.68 -4.46 5.77
C TRP B 212 -0.90 -3.30 6.73
N ALA B 213 -0.54 -2.10 6.31
CA ALA B 213 -0.72 -0.90 7.10
C ALA B 213 -2.15 -0.67 7.55
N VAL B 214 -3.12 -1.12 6.76
CA VAL B 214 -4.51 -1.08 7.21
C VAL B 214 -4.96 -2.41 7.79
N HIS B 215 -4.78 -3.52 7.08
CA HIS B 215 -5.39 -4.79 7.52
C HIS B 215 -4.78 -5.37 8.80
N THR B 216 -3.52 -5.06 9.05
CA THR B 216 -2.82 -5.52 10.26
C THR B 216 -2.51 -4.36 11.19
N ASN B 217 -2.05 -3.22 10.65
CA ASN B 217 -1.56 -2.11 11.48
C ASN B 217 -2.52 -0.91 11.60
N CYS B 218 -3.82 -1.15 11.35
CA CYS B 218 -4.86 -0.10 11.32
C CYS B 218 -4.60 1.01 12.35
N PRO B 219 -4.42 2.26 11.92
CA PRO B 219 -4.03 3.32 12.89
C PRO B 219 -5.14 3.94 13.79
N VAL B 220 -6.35 3.37 13.77
CA VAL B 220 -7.46 3.84 14.60
C VAL B 220 -7.90 2.65 15.42
N PRO B 221 -8.25 2.87 16.70
CA PRO B 221 -8.69 1.73 17.49
C PRO B 221 -10.03 1.23 17.02
N GLY B 222 -10.21 -0.09 17.01
CA GLY B 222 -11.51 -0.70 16.77
C GLY B 222 -11.52 -1.78 15.73
N PRO B 223 -11.26 -1.44 14.47
CA PRO B 223 -11.40 -2.43 13.39
C PRO B 223 -10.46 -3.63 13.45
N VAL B 224 -9.27 -3.48 14.05
CA VAL B 224 -8.30 -4.59 14.18
C VAL B 224 -7.80 -4.58 15.63
N PRO B 225 -8.48 -5.27 16.55
CA PRO B 225 -8.15 -5.15 17.98
C PRO B 225 -6.69 -5.45 18.40
N THR B 226 -5.98 -6.21 17.59
CA THR B 226 -4.59 -6.55 17.82
C THR B 226 -3.57 -5.48 17.38
N SER B 227 -4.00 -4.47 16.64
CA SER B 227 -3.13 -3.42 16.15
C SER B 227 -2.68 -2.48 17.27
N PRO B 228 -1.53 -1.84 17.12
CA PRO B 228 -0.98 -0.91 18.13
C PRO B 228 -1.91 0.22 18.58
N ALA B 229 -2.78 0.72 17.72
CA ALA B 229 -3.71 1.76 18.07
C ALA B 229 -4.58 1.39 19.28
N ASN B 230 -4.83 0.10 19.46
CA ASN B 230 -5.63 -0.38 20.59
C ASN B 230 -4.81 -0.57 21.87
N ASN B 231 -3.49 -0.41 21.79
CA ASN B 231 -2.59 -0.66 22.90
C ASN B 231 -1.69 0.55 23.09
N ASP B 232 -2.30 1.74 23.08
CA ASP B 232 -1.59 3.01 23.24
C ASP B 232 -0.40 3.22 22.31
N PHE B 233 -0.49 2.69 21.08
CA PHE B 233 0.61 2.71 20.11
C PHE B 233 1.96 2.17 20.65
N LYS B 234 1.93 1.17 21.53
CA LYS B 234 3.16 0.49 21.90
C LYS B 234 3.64 -0.27 20.66
N PRO B 235 4.95 -0.17 20.32
CA PRO B 235 5.47 -1.00 19.22
C PRO B 235 5.31 -2.50 19.52
N GLY B 236 5.11 -3.38 18.53
CA GLY B 236 5.06 -3.05 17.10
C GLY B 236 6.41 -2.73 16.48
N PHE B 237 6.41 -1.86 15.49
CA PHE B 237 7.61 -1.42 14.78
C PHE B 237 7.73 0.05 15.13
N SER B 238 8.74 0.37 15.94
CA SER B 238 8.87 1.71 16.48
C SER B 238 9.15 2.74 15.42
N THR B 239 8.73 3.96 15.69
CA THR B 239 9.06 5.12 14.86
C THR B 239 10.60 5.31 14.73
N ALA B 240 11.33 5.06 15.82
CA ALA B 240 12.79 5.09 15.79
C ALA B 240 13.33 4.17 14.71
N LEU B 241 12.84 2.95 14.65
CA LEU B 241 13.33 1.97 13.67
C LEU B 241 12.93 2.32 12.24
N MET B 242 11.69 2.80 12.04
CA MET B 242 11.25 3.22 10.70
C MET B 242 12.03 4.42 10.19
N ASN B 243 12.28 5.38 11.10
CA ASN B 243 13.13 6.52 10.79
C ASN B 243 14.54 6.08 10.40
N LYS B 244 15.10 5.12 11.13
CA LYS B 244 16.38 4.52 10.70
C LYS B 244 16.29 3.95 9.27
N ASP B 245 15.28 3.16 8.97
CA ASP B 245 15.18 2.56 7.62
C ASP B 245 14.97 3.60 6.53
N LEU B 246 14.19 4.62 6.83
CA LEU B 246 14.00 5.72 5.90
C LEU B 246 15.28 6.52 5.68
N GLY B 247 16.10 6.68 6.72
CA GLY B 247 17.46 7.23 6.57
C GLY B 247 18.28 6.42 5.59
N LEU B 248 18.19 5.09 5.70
CA LEU B 248 18.90 4.22 4.77
C LEU B 248 18.33 4.30 3.36
N ALA B 249 17.00 4.41 3.25
CA ALA B 249 16.37 4.60 1.94
C ALA B 249 16.86 5.91 1.27
N MET B 250 16.96 6.98 2.05
CA MET B 250 17.44 8.25 1.55
C MET B 250 18.93 8.19 1.19
N ASP B 251 19.72 7.42 1.92
CA ASP B 251 21.10 7.11 1.49
C ASP B 251 21.13 6.41 0.13
N ALA B 252 20.30 5.39 -0.06
CA ALA B 252 20.23 4.70 -1.35
C ALA B 252 19.80 5.64 -2.49
N VAL B 253 18.81 6.48 -2.21
CA VAL B 253 18.32 7.46 -3.16
C VAL B 253 19.47 8.42 -3.52
N ALA B 254 20.16 8.94 -2.51
CA ALA B 254 21.27 9.87 -2.76
C ALA B 254 22.40 9.19 -3.55
N ALA B 255 22.72 7.95 -3.23
CA ALA B 255 23.82 7.24 -3.89
C ALA B 255 23.52 6.86 -5.36
N THR B 256 22.25 6.67 -5.69
CA THR B 256 21.84 6.30 -7.04
C THR B 256 21.41 7.48 -7.91
N GLY B 257 21.10 8.63 -7.30
CA GLY B 257 20.45 9.73 -8.01
C GLY B 257 19.01 9.44 -8.42
N ALA B 258 18.37 8.49 -7.74
CA ALA B 258 16.98 8.15 -8.01
C ALA B 258 16.11 9.32 -7.56
N THR B 259 14.90 9.37 -8.09
CA THR B 259 13.91 10.34 -7.66
C THR B 259 12.85 9.51 -6.97
N ALA B 260 12.57 9.83 -5.72
CA ALA B 260 11.57 9.13 -4.92
C ALA B 260 10.75 10.18 -4.17
N PRO B 261 9.83 10.89 -4.87
CA PRO B 261 9.17 12.05 -4.27
C PRO B 261 8.38 11.73 -3.00
N LEU B 262 7.58 10.67 -3.02
CA LEU B 262 6.78 10.32 -1.85
C LEU B 262 7.60 9.65 -0.78
N GLY B 263 8.56 8.82 -1.17
CA GLY B 263 9.47 8.18 -0.20
C GLY B 263 10.27 9.21 0.58
N SER B 264 10.80 10.21 -0.13
CA SER B 264 11.51 11.32 0.54
C SER B 264 10.59 12.18 1.42
N HIS B 265 9.35 12.40 0.98
CA HIS B 265 8.35 13.14 1.79
C HIS B 265 8.04 12.36 3.07
N ALA B 266 7.86 11.05 2.92
CA ALA B 266 7.64 10.17 4.04
C ALA B 266 8.84 10.18 5.00
N ALA B 267 10.06 10.20 4.46
CA ALA B 267 11.27 10.32 5.29
C ALA B 267 11.27 11.61 6.10
N ASP B 268 10.90 12.74 5.49
N ASP B 268 10.92 12.74 5.47
CA ASP B 268 10.86 14.01 6.21
CA ASP B 268 10.81 14.04 6.15
C ASP B 268 9.80 14.02 7.32
C ASP B 268 9.80 14.00 7.31
N ILE B 269 8.60 13.52 7.01
CA ILE B 269 7.52 13.35 7.99
C ILE B 269 7.96 12.47 9.16
N TYR B 270 8.61 11.34 8.90
CA TYR B 270 9.02 10.46 10.00
C TYR B 270 10.21 11.00 10.78
N ALA B 271 11.11 11.73 10.12
CA ALA B 271 12.22 12.37 10.82
C ALA B 271 11.70 13.36 11.87
N LYS B 272 10.69 14.14 11.52
CA LYS B 272 10.10 15.09 12.46
C LYS B 272 9.33 14.38 13.56
N PHE B 273 8.50 13.40 13.20
CA PHE B 273 7.75 12.62 14.18
C PHE B 273 8.67 11.92 15.19
N ALA B 274 9.80 11.39 14.71
CA ALA B 274 10.74 10.66 15.59
C ALA B 274 11.39 11.54 16.65
N ALA B 275 11.50 12.85 16.39
CA ALA B 275 12.08 13.79 17.36
C ALA B 275 11.44 13.65 18.73
N ASP B 276 10.11 13.57 18.78
CA ASP B 276 9.41 13.43 20.06
C ASP B 276 8.61 12.15 20.27
N HIS B 277 8.45 11.31 19.24
CA HIS B 277 7.62 10.11 19.36
C HIS B 277 8.34 8.86 18.89
N ALA B 278 9.65 8.83 19.13
CA ALA B 278 10.50 7.70 18.73
C ALA B 278 10.04 6.37 19.34
N ASP B 279 9.50 6.42 20.55
CA ASP B 279 9.11 5.22 21.27
C ASP B 279 7.74 4.65 20.88
N LEU B 280 6.98 5.37 20.07
CA LEU B 280 5.64 4.91 19.64
C LEU B 280 5.72 4.12 18.35
N ASP B 281 4.79 3.20 18.15
CA ASP B 281 4.67 2.50 16.86
C ASP B 281 4.58 3.54 15.71
N PHE B 282 5.17 3.22 14.57
CA PHE B 282 5.13 4.14 13.41
C PHE B 282 3.73 4.50 12.89
N SER B 283 2.72 3.68 13.18
CA SER B 283 1.32 4.03 12.84
C SER B 283 0.81 5.26 13.60
N ALA B 284 1.49 5.59 14.70
CA ALA B 284 1.14 6.76 15.51
C ALA B 284 1.34 8.10 14.80
N VAL B 285 1.99 8.09 13.63
CA VAL B 285 2.09 9.27 12.78
C VAL B 285 0.72 9.92 12.51
N ILE B 286 -0.36 9.11 12.55
CA ILE B 286 -1.75 9.61 12.50
C ILE B 286 -2.00 10.82 13.41
N HIS B 287 -1.35 10.87 14.57
CA HIS B 287 -1.44 12.03 15.47
C HIS B 287 -1.02 13.36 14.84
N THR B 288 -0.06 13.35 13.92
CA THR B 288 0.35 14.58 13.23
C THR B 288 -0.72 15.19 12.32
N LEU B 289 -1.69 14.38 11.90
CA LEU B 289 -2.73 14.80 10.94
C LEU B 289 -4.03 15.29 11.60
N ARG B 290 -4.09 15.18 12.91
CA ARG B 290 -5.20 15.62 13.71
C ARG B 290 -4.85 16.86 14.51
N ALA B 291 -5.80 17.74 14.68
CA ALA B 291 -5.58 18.95 15.43
C ALA B 291 -5.98 18.78 16.89
C1 GOL C . -36.46 -2.99 -22.01
O1 GOL C . -36.01 -1.63 -21.91
C2 GOL C . -37.79 -3.05 -22.76
O2 GOL C . -38.71 -2.14 -22.15
C3 GOL C . -38.39 -4.45 -22.76
O3 GOL C . -39.70 -4.47 -23.41
C1 GOL D . -43.65 4.28 -5.98
O1 GOL D . -42.94 3.62 -4.91
C2 GOL D . -42.69 4.46 -7.15
O2 GOL D . -42.95 3.45 -8.13
C3 GOL D . -42.82 5.86 -7.75
O3 GOL D . -42.17 5.92 -9.01
O12 9ON E . -23.03 -7.71 -4.52
C7 9ON E . -23.47 -8.88 -4.50
O10 9ON E . -24.02 -9.44 -3.54
C4 9ON E . -23.33 -9.69 -5.78
C5 9ON E . -22.73 -11.06 -5.46
C3 9ON E . -24.71 -9.88 -6.42
C2 9ON E . -24.81 -9.05 -7.70
C1 9ON E . -24.20 -9.84 -8.87
O8 9ON E . -23.25 -10.60 -8.61
O9 9ON E . -24.69 -9.63 -10.00
O2 HUI F . 6.65 -5.13 11.03
C1 HUI F . 7.18 -6.04 10.38
O1 HUI F . 8.29 -5.95 9.80
C2 HUI F . 6.41 -7.38 10.29
C3 HUI F . 6.91 -8.28 9.14
C4 HUI F . 6.51 -8.14 11.61
O3 HUI F . 5.34 -7.75 12.35
C1 GOL G . 29.40 -3.65 18.86
O1 GOL G . 28.02 -3.83 19.24
C2 GOL G . 30.02 -4.92 18.28
O2 GOL G . 29.53 -6.13 18.91
C3 GOL G . 31.53 -4.83 18.39
O3 GOL G . 32.07 -5.98 17.73
C1 GOL H . 36.04 -22.09 8.20
O1 GOL H . 36.14 -21.65 9.57
C2 GOL H . 36.79 -23.42 7.99
O2 GOL H . 38.11 -23.31 8.56
C3 GOL H . 36.96 -23.83 6.52
O3 GOL H . 35.88 -23.40 5.66
O12 9ON I . 13.26 -21.69 4.44
C7 9ON I . 12.56 -21.97 5.42
O10 9ON I . 11.40 -22.42 5.29
C4 9ON I . 13.05 -21.71 6.79
C5 9ON I . 12.11 -20.62 7.17
C3 9ON I . 12.83 -22.87 7.75
C2 9ON I . 13.17 -22.55 9.20
C1 9ON I . 12.08 -22.34 10.23
O8 9ON I . 10.87 -22.54 10.00
O9 9ON I . 12.47 -21.97 11.36
#